data_6CBZ
#
_entry.id   6CBZ
#
_cell.length_a   56.126
_cell.length_b   84.621
_cell.length_c   58.587
_cell.angle_alpha   90.00
_cell.angle_beta   108.48
_cell.angle_gamma   90.00
#
_symmetry.space_group_name_H-M   'P 1 21 1'
#
loop_
_entity.id
_entity.type
_entity.pdbx_description
1 polymer 'Estrogen receptor'
2 polymer 'Estrogen receptor'
3 polymer 'grip peptide'
4 non-polymer ESTRADIOL
5 non-polymer GLYCEROL
6 water water
#
loop_
_entity_poly.entity_id
_entity_poly.type
_entity_poly.pdbx_seq_one_letter_code
_entity_poly.pdbx_strand_id
1 'polypeptide(L)'
;SLALSLTADQMVSALLDAEPPILYSEYDPTRPFSEASMMGLLTNLADRELVHMINWAKRVPGFVDLTLHDQVHLLE
(SCH)AWLEILMIGLVWRSMEHPGKLLFAPNLLLDRNQGKCVEGMVEIFDMLLATSSRFRMMNLQGEEFVCLKSIILLNS
GVYTFLSSTLKSLEEKDHIHRVLDKITDTLIHLMAKAGLTLQQQHQRLAQLLLILSHIRHMSNKGMEHLYSMK(SCH)KN
VVPLSDLLLEMLDAHRLHAPTS
;
A
2 'polypeptide(L)'
;SLAASLTADQMVSALLDAEPPILYSEYDPTRPFSEASMMGLLTNLADRELVHMINWAKRVPGFVDLTLHDQVHLLE
(SCH)AWLEILMIGLVWRSMEHPGKLLFAPNLLLDRNQGKMVEGMVEIFDMLLATSSRFRMMNLQGEEFVCLKSIILLNS
GVYTFLSSTLKSLEEKDHIHRVLDKITDTLIHLMAKAGLTLQQQHQRLAQLLLILSHIRHMSNKGMEHLYSMKCKNVVPL
SDLLLEMLDAHRLHAPTS
;
B
3 'polypeptide(L)' AILHRLLQ C,D
#
# COMPACT_ATOMS: atom_id res chain seq x y z
N SER A 5 -16.32 -11.41 -20.13
CA SER A 5 -16.40 -11.66 -21.56
C SER A 5 -15.75 -10.53 -22.35
N LEU A 6 -15.43 -9.44 -21.66
CA LEU A 6 -14.80 -8.27 -22.28
C LEU A 6 -13.39 -8.57 -22.76
N THR A 7 -13.08 -8.12 -23.96
CA THR A 7 -11.69 -8.10 -24.42
C THR A 7 -10.95 -6.97 -23.73
N ALA A 8 -9.63 -6.93 -23.90
CA ALA A 8 -8.82 -5.86 -23.35
C ALA A 8 -9.24 -4.51 -23.94
N ASP A 9 -9.42 -4.46 -25.25
CA ASP A 9 -9.80 -3.20 -25.89
C ASP A 9 -11.15 -2.70 -25.37
N GLN A 10 -12.06 -3.63 -25.10
CA GLN A 10 -13.38 -3.27 -24.59
C GLN A 10 -13.28 -2.79 -23.14
N MET A 11 -12.42 -3.45 -22.37
CA MET A 11 -12.16 -3.06 -21.00
C MET A 11 -11.67 -1.61 -20.94
N VAL A 12 -10.65 -1.31 -21.75
CA VAL A 12 -10.08 0.03 -21.80
C VAL A 12 -11.12 1.09 -22.21
N SER A 13 -11.88 0.81 -23.26
CA SER A 13 -12.90 1.74 -23.74
C SER A 13 -13.96 1.98 -22.67
N ALA A 14 -14.36 0.93 -21.97
CA ALA A 14 -15.32 1.06 -20.89
C ALA A 14 -14.79 1.99 -19.79
N LEU A 15 -13.54 1.77 -19.38
CA LEU A 15 -12.98 2.55 -18.27
C LEU A 15 -12.75 4.00 -18.67
N LEU A 16 -12.24 4.22 -19.88
CA LEU A 16 -12.07 5.59 -20.36
C LEU A 16 -13.42 6.32 -20.44
N ASP A 17 -14.46 5.63 -20.90
CA ASP A 17 -15.77 6.25 -21.01
C ASP A 17 -16.34 6.60 -19.64
N ALA A 18 -15.96 5.82 -18.63
CA ALA A 18 -16.55 5.97 -17.30
C ALA A 18 -15.89 7.08 -16.47
N GLU A 19 -14.81 7.67 -17.00
CA GLU A 19 -14.03 8.65 -16.25
C GLU A 19 -14.88 9.81 -15.76
N PRO A 20 -14.72 10.19 -14.49
CA PRO A 20 -15.43 11.36 -13.98
C PRO A 20 -14.81 12.65 -14.52
N PRO A 21 -15.59 13.74 -14.50
CA PRO A 21 -15.07 15.04 -14.91
C PRO A 21 -14.13 15.64 -13.88
N ILE A 22 -13.33 16.62 -14.29
CA ILE A 22 -12.53 17.39 -13.35
C ILE A 22 -13.37 18.53 -12.80
N LEU A 23 -13.57 18.55 -11.49
CA LEU A 23 -14.44 19.53 -10.87
C LEU A 23 -13.67 20.79 -10.44
N TYR A 24 -14.38 21.89 -10.23
CA TYR A 24 -13.76 23.10 -9.71
C TYR A 24 -13.93 23.18 -8.21
N SER A 25 -12.97 23.83 -7.54
CA SER A 25 -13.15 24.14 -6.12
C SER A 25 -13.92 25.44 -5.95
N GLU A 26 -14.29 25.73 -4.70
CA GLU A 26 -14.97 26.99 -4.41
C GLU A 26 -13.96 28.08 -4.03
N TYR A 27 -12.73 27.96 -4.51
CA TYR A 27 -11.68 28.92 -4.17
C TYR A 27 -12.11 30.38 -4.40
N ASP A 28 -11.91 31.20 -3.36
CA ASP A 28 -12.23 32.63 -3.40
C ASP A 28 -10.94 33.46 -3.35
N PRO A 29 -10.49 33.97 -4.51
CA PRO A 29 -9.21 34.70 -4.51
C PRO A 29 -9.27 36.07 -3.86
N THR A 30 -10.42 36.47 -3.33
CA THR A 30 -10.51 37.80 -2.71
C THR A 30 -9.94 37.79 -1.28
N ARG A 31 -9.73 36.60 -0.73
CA ARG A 31 -9.24 36.47 0.64
C ARG A 31 -8.04 35.53 0.74
N PRO A 32 -7.20 35.72 1.77
CA PRO A 32 -6.10 34.80 2.04
C PRO A 32 -6.62 33.50 2.64
N PHE A 33 -5.81 32.45 2.59
CA PHE A 33 -6.16 31.17 3.19
C PHE A 33 -6.03 31.23 4.70
N SER A 34 -6.85 30.44 5.38
CA SER A 34 -6.59 30.06 6.75
C SER A 34 -6.51 28.53 6.76
N GLU A 35 -6.06 27.93 7.86
CA GLU A 35 -6.11 26.47 7.99
C GLU A 35 -7.54 26.00 7.76
N ALA A 36 -8.49 26.68 8.38
CA ALA A 36 -9.89 26.33 8.26
C ALA A 36 -10.41 26.47 6.84
N SER A 37 -10.10 27.56 6.15
CA SER A 37 -10.67 27.75 4.82
C SER A 37 -10.01 26.82 3.80
N MET A 38 -8.72 26.51 3.97
CA MET A 38 -8.10 25.56 3.05
C MET A 38 -8.69 24.16 3.26
N MET A 39 -8.84 23.73 4.51
CA MET A 39 -9.49 22.43 4.77
C MET A 39 -10.92 22.44 4.23
N GLY A 40 -11.61 23.57 4.37
CA GLY A 40 -12.97 23.68 3.84
C GLY A 40 -13.01 23.44 2.33
N LEU A 41 -12.10 24.08 1.59
CA LEU A 41 -12.04 23.91 0.14
C LEU A 41 -11.76 22.46 -0.25
N LEU A 42 -10.80 21.83 0.42
CA LEU A 42 -10.42 20.48 0.03
C LEU A 42 -11.53 19.48 0.33
N THR A 43 -12.16 19.60 1.49
CA THR A 43 -13.23 18.68 1.86
C THR A 43 -14.51 18.94 1.07
N ASN A 44 -14.78 20.20 0.74
CA ASN A 44 -15.93 20.50 -0.11
C ASN A 44 -15.74 19.86 -1.48
N LEU A 45 -14.52 19.97 -2.01
CA LEU A 45 -14.16 19.32 -3.27
C LEU A 45 -14.30 17.80 -3.18
N ALA A 46 -13.71 17.22 -2.13
CA ALA A 46 -13.79 15.76 -1.95
C ALA A 46 -15.23 15.30 -1.96
N ASP A 47 -16.10 16.01 -1.23
CA ASP A 47 -17.49 15.61 -1.12
C ASP A 47 -18.19 15.60 -2.48
N ARG A 48 -17.94 16.62 -3.30
CA ARG A 48 -18.53 16.63 -4.65
C ARG A 48 -17.91 15.56 -5.54
N GLU A 49 -16.64 15.26 -5.38
CA GLU A 49 -16.08 14.20 -6.20
C GLU A 49 -16.67 12.86 -5.83
N LEU A 50 -16.94 12.67 -4.55
CA LEU A 50 -17.45 11.35 -4.12
C LEU A 50 -18.73 10.96 -4.84
N VAL A 51 -19.60 11.93 -5.09
CA VAL A 51 -20.82 11.64 -5.82
C VAL A 51 -20.51 11.10 -7.22
N HIS A 52 -19.55 11.71 -7.90
CA HIS A 52 -19.11 11.20 -9.20
C HIS A 52 -18.39 9.85 -9.07
N MET A 53 -17.67 9.67 -7.97
CA MET A 53 -16.94 8.42 -7.78
C MET A 53 -17.92 7.25 -7.66
N ILE A 54 -19.01 7.48 -6.96
CA ILE A 54 -19.99 6.44 -6.76
C ILE A 54 -20.55 6.00 -8.10
N ASN A 55 -20.83 6.97 -8.97
CA ASN A 55 -21.38 6.63 -10.26
C ASN A 55 -20.35 6.01 -11.21
N TRP A 56 -19.09 6.44 -11.09
CA TRP A 56 -18.00 5.81 -11.82
C TRP A 56 -17.84 4.34 -11.41
N ALA A 57 -17.91 4.07 -10.11
CA ALA A 57 -17.69 2.71 -9.62
C ALA A 57 -18.71 1.74 -10.22
N LYS A 58 -19.94 2.22 -10.41
CA LYS A 58 -21.00 1.39 -10.98
C LYS A 58 -20.71 1.00 -12.44
N ARG A 59 -19.78 1.72 -13.06
CA ARG A 59 -19.43 1.45 -14.45
C ARG A 59 -18.16 0.61 -14.60
N VAL A 60 -17.47 0.34 -13.49
CA VAL A 60 -16.32 -0.55 -13.52
C VAL A 60 -16.82 -1.98 -13.66
N PRO A 61 -16.39 -2.68 -14.71
CA PRO A 61 -16.90 -4.03 -14.99
C PRO A 61 -16.87 -4.93 -13.76
N GLY A 62 -18.02 -5.52 -13.46
CA GLY A 62 -18.13 -6.45 -12.35
C GLY A 62 -18.57 -5.84 -11.03
N PHE A 63 -18.42 -4.52 -10.88
CA PHE A 63 -18.72 -3.90 -9.58
C PHE A 63 -20.21 -4.00 -9.23
N VAL A 64 -21.10 -3.73 -10.18
CA VAL A 64 -22.53 -3.70 -9.85
C VAL A 64 -23.12 -5.10 -9.62
N ASP A 65 -22.34 -6.12 -9.96
CA ASP A 65 -22.74 -7.53 -9.72
C ASP A 65 -22.62 -7.91 -8.24
N LEU A 66 -21.81 -7.16 -7.50
CA LEU A 66 -21.64 -7.41 -6.08
C LEU A 66 -22.88 -6.98 -5.30
N THR A 67 -23.06 -7.53 -4.11
CA THR A 67 -24.11 -7.06 -3.20
C THR A 67 -23.86 -5.59 -2.84
N LEU A 68 -24.93 -4.89 -2.49
CA LEU A 68 -24.81 -3.50 -2.04
C LEU A 68 -23.83 -3.37 -0.87
N HIS A 69 -23.84 -4.36 0.03
CA HIS A 69 -22.96 -4.34 1.18
C HIS A 69 -21.50 -4.42 0.76
N ASP A 70 -21.19 -5.27 -0.21
CA ASP A 70 -19.82 -5.38 -0.72
C ASP A 70 -19.40 -4.11 -1.47
N GLN A 71 -20.32 -3.53 -2.24
CA GLN A 71 -20.04 -2.27 -2.93
C GLN A 71 -19.70 -1.17 -1.93
N VAL A 72 -20.49 -1.10 -0.86
CA VAL A 72 -20.26 -0.11 0.21
C VAL A 72 -18.87 -0.31 0.81
N HIS A 73 -18.54 -1.56 1.11
CA HIS A 73 -17.27 -1.86 1.77
C HIS A 73 -16.09 -1.46 0.89
N LEU A 74 -16.15 -1.81 -0.39
CA LEU A 74 -15.03 -1.50 -1.28
C LEU A 74 -14.80 0.00 -1.39
N LEU A 75 -15.89 0.76 -1.57
CA LEU A 75 -15.76 2.22 -1.67
C LEU A 75 -15.33 2.85 -0.34
N GLU A 76 -15.85 2.35 0.78
CA GLU A 76 -15.41 2.82 2.10
C GLU A 76 -13.92 2.65 2.29
N ALA A 78 -11.56 2.25 -0.16
CA ALA A 78 -10.74 2.83 -1.24
C ALA A 78 -10.90 4.31 -1.56
N TRP A 79 -11.90 4.99 -1.00
CA TRP A 79 -12.28 6.30 -1.55
C TRP A 79 -11.14 7.32 -1.54
N LEU A 80 -10.36 7.38 -0.47
CA LEU A 80 -9.31 8.39 -0.41
C LEU A 80 -8.12 7.98 -1.30
N GLU A 81 -7.86 6.67 -1.42
CA GLU A 81 -6.89 6.21 -2.39
C GLU A 81 -7.25 6.64 -3.81
N ILE A 82 -8.53 6.51 -4.14
CA ILE A 82 -9.01 6.89 -5.45
C ILE A 82 -8.95 8.40 -5.67
N LEU A 83 -9.30 9.20 -4.66
CA LEU A 83 -9.15 10.64 -4.80
C LEU A 83 -7.69 10.99 -5.02
N MET A 84 -6.82 10.31 -4.30
CA MET A 84 -5.40 10.66 -4.37
C MET A 84 -4.77 10.25 -5.70
N ILE A 85 -5.12 9.09 -6.24
CA ILE A 85 -4.47 8.69 -7.49
C ILE A 85 -4.96 9.63 -8.61
N GLY A 86 -6.23 10.05 -8.53
CA GLY A 86 -6.76 11.05 -9.44
C GLY A 86 -6.01 12.37 -9.37
N LEU A 87 -5.74 12.85 -8.15
CA LEU A 87 -4.97 14.08 -7.94
C LEU A 87 -3.56 13.96 -8.53
N VAL A 88 -2.89 12.86 -8.22
CA VAL A 88 -1.52 12.69 -8.70
C VAL A 88 -1.49 12.66 -10.24
N TRP A 89 -2.48 12.00 -10.83
CA TRP A 89 -2.62 11.97 -12.30
C TRP A 89 -2.83 13.38 -12.88
N ARG A 90 -3.75 14.14 -12.29
CA ARG A 90 -4.04 15.52 -12.73
C ARG A 90 -2.81 16.40 -12.65
N SER A 91 -1.93 16.08 -11.71
CA SER A 91 -0.82 16.95 -11.36
C SER A 91 0.45 16.65 -12.15
N MET A 92 0.42 15.56 -12.92
CA MET A 92 1.59 15.13 -13.70
C MET A 92 2.23 16.25 -14.52
N GLU A 93 1.41 17.03 -15.21
CA GLU A 93 1.92 18.08 -16.10
C GLU A 93 2.26 19.36 -15.35
N HIS A 94 2.26 19.32 -14.02
CA HIS A 94 2.55 20.48 -13.19
C HIS A 94 3.59 20.15 -12.12
N PRO A 95 4.88 20.05 -12.51
CA PRO A 95 5.94 19.74 -11.56
C PRO A 95 5.94 20.68 -10.35
N GLY A 96 6.04 20.11 -9.15
CA GLY A 96 6.07 20.88 -7.93
C GLY A 96 4.71 21.38 -7.43
N LYS A 97 3.63 21.06 -8.15
CA LYS A 97 2.31 21.51 -7.73
C LYS A 97 1.30 20.37 -7.71
N LEU A 98 0.24 20.58 -6.93
CA LEU A 98 -0.87 19.64 -6.90
C LEU A 98 -2.10 20.32 -7.45
N LEU A 99 -2.64 19.76 -8.52
CA LEU A 99 -3.80 20.35 -9.16
C LEU A 99 -5.06 19.76 -8.57
N PHE A 100 -5.45 20.24 -7.40
CA PHE A 100 -6.68 19.75 -6.77
C PHE A 100 -7.83 20.04 -7.70
N ALA A 101 -7.81 21.23 -8.29
CA ALA A 101 -8.80 21.65 -9.26
C ALA A 101 -8.14 22.65 -10.17
N PRO A 102 -8.77 22.98 -11.29
CA PRO A 102 -8.15 23.94 -12.22
C PRO A 102 -7.94 25.31 -11.59
N ASN A 103 -8.78 25.65 -10.61
CA ASN A 103 -8.64 26.91 -9.88
C ASN A 103 -8.04 26.72 -8.49
N LEU A 104 -7.42 25.56 -8.25
CA LEU A 104 -6.77 25.31 -6.98
C LEU A 104 -5.52 24.47 -7.21
N LEU A 105 -4.45 25.15 -7.60
CA LEU A 105 -3.17 24.55 -7.90
C LEU A 105 -2.19 25.02 -6.83
N LEU A 106 -1.80 24.10 -5.95
CA LEU A 106 -1.06 24.44 -4.75
C LEU A 106 0.34 23.86 -4.75
N ASP A 107 1.31 24.61 -4.24
CA ASP A 107 2.65 24.07 -4.00
C ASP A 107 2.82 23.72 -2.52
N ARG A 108 3.97 23.16 -2.15
CA ARG A 108 4.13 22.65 -0.79
C ARG A 108 4.12 23.77 0.24
N ASN A 109 4.55 24.95 -0.17
CA ASN A 109 4.54 26.09 0.74
C ASN A 109 3.12 26.48 1.12
N GLN A 110 2.18 26.29 0.19
CA GLN A 110 0.78 26.59 0.48
C GLN A 110 0.18 25.49 1.35
N GLY A 111 0.73 24.29 1.25
CA GLY A 111 0.31 23.20 2.10
C GLY A 111 0.61 23.45 3.56
N LYS A 112 1.64 24.24 3.83
CA LYS A 112 2.04 24.54 5.20
C LYS A 112 0.96 25.29 5.98
N CYS A 113 -0.03 25.81 5.24
N CYS A 113 -0.03 25.81 5.25
CA CYS A 113 -1.15 26.52 5.82
CA CYS A 113 -1.15 26.54 5.87
C CYS A 113 -1.94 25.67 6.82
C CYS A 113 -1.91 25.67 6.86
N VAL A 114 -2.00 24.38 6.56
CA VAL A 114 -2.73 23.44 7.41
C VAL A 114 -1.74 22.58 8.21
N GLU A 115 -1.94 22.52 9.52
CA GLU A 115 -1.05 21.75 10.40
C GLU A 115 -0.96 20.29 9.93
N GLY A 116 0.27 19.85 9.68
CA GLY A 116 0.51 18.48 9.28
C GLY A 116 0.24 18.11 7.82
N MET A 117 -0.22 19.06 7.01
CA MET A 117 -0.55 18.67 5.62
C MET A 117 0.67 18.71 4.70
N VAL A 118 1.68 19.53 5.00
CA VAL A 118 2.83 19.60 4.09
C VAL A 118 3.52 18.25 3.90
N GLU A 119 3.57 17.44 4.96
CA GLU A 119 4.15 16.09 4.88
C GLU A 119 3.39 15.23 3.87
N ILE A 120 2.07 15.36 3.86
CA ILE A 120 1.25 14.63 2.91
C ILE A 120 1.40 15.20 1.50
N PHE A 121 1.44 16.53 1.39
CA PHE A 121 1.71 17.15 0.09
C PHE A 121 3.00 16.59 -0.50
N ASP A 122 4.03 16.49 0.35
CA ASP A 122 5.33 16.00 -0.13
C ASP A 122 5.24 14.59 -0.69
N MET A 123 4.47 13.72 -0.05
CA MET A 123 4.29 12.38 -0.59
C MET A 123 3.54 12.37 -1.92
N LEU A 124 2.50 13.21 -2.02
CA LEU A 124 1.72 13.26 -3.26
C LEU A 124 2.57 13.80 -4.41
N LEU A 125 3.35 14.85 -4.11
CA LEU A 125 4.26 15.40 -5.10
C LEU A 125 5.30 14.38 -5.57
N ALA A 126 5.85 13.61 -4.63
CA ALA A 126 6.85 12.60 -4.98
C ALA A 126 6.22 11.55 -5.89
N THR A 127 4.97 11.21 -5.62
CA THR A 127 4.26 10.23 -6.43
C THR A 127 3.97 10.76 -7.83
N SER A 128 3.63 12.04 -7.92
CA SER A 128 3.40 12.69 -9.19
C SER A 128 4.68 12.66 -10.01
N SER A 129 5.80 12.91 -9.34
N SER A 129 5.79 12.92 -9.33
CA SER A 129 7.11 12.86 -9.98
CA SER A 129 7.11 12.86 -9.96
C SER A 129 7.44 11.46 -10.49
C SER A 129 7.42 11.47 -10.49
N ARG A 130 7.07 10.44 -9.72
CA ARG A 130 7.24 9.04 -10.16
C ARG A 130 6.42 8.75 -11.42
N PHE A 131 5.17 9.21 -11.46
CA PHE A 131 4.32 9.07 -12.64
C PHE A 131 5.00 9.67 -13.86
N ARG A 132 5.54 10.88 -13.67
CA ARG A 132 6.24 11.57 -14.75
C ARG A 132 7.45 10.79 -15.21
N MET A 133 8.25 10.33 -14.25
CA MET A 133 9.45 9.53 -14.55
C MET A 133 9.11 8.31 -15.39
N MET A 134 7.97 7.68 -15.08
CA MET A 134 7.53 6.48 -15.78
C MET A 134 6.77 6.77 -17.07
N ASN A 135 6.46 8.04 -17.31
CA ASN A 135 5.57 8.40 -18.41
C ASN A 135 4.26 7.61 -18.37
N LEU A 136 3.62 7.60 -17.21
CA LEU A 136 2.35 6.90 -17.03
C LEU A 136 1.33 7.34 -18.08
N GLN A 137 0.69 6.38 -18.72
CA GLN A 137 -0.33 6.67 -19.74
C GLN A 137 -1.74 6.66 -19.17
N GLY A 138 -2.64 7.41 -19.80
CA GLY A 138 -4.02 7.49 -19.38
C GLY A 138 -4.71 6.15 -19.29
N GLU A 139 -4.45 5.28 -20.26
CA GLU A 139 -5.02 3.93 -20.27
C GLU A 139 -4.52 3.11 -19.09
N GLU A 140 -3.27 3.32 -18.71
CA GLU A 140 -2.69 2.62 -17.56
C GLU A 140 -3.30 3.17 -16.28
N PHE A 141 -3.47 4.49 -16.24
CA PHE A 141 -4.02 5.14 -15.07
C PHE A 141 -5.43 4.61 -14.76
N VAL A 142 -6.30 4.51 -15.75
CA VAL A 142 -7.68 4.08 -15.46
C VAL A 142 -7.72 2.61 -15.01
N CYS A 143 -6.85 1.77 -15.55
CA CYS A 143 -6.70 0.41 -15.04
C CYS A 143 -6.27 0.39 -13.57
N LEU A 144 -5.27 1.19 -13.21
CA LEU A 144 -4.80 1.22 -11.82
C LEU A 144 -5.88 1.68 -10.87
N LYS A 145 -6.64 2.68 -11.29
CA LYS A 145 -7.66 3.24 -10.41
C LYS A 145 -8.75 2.19 -10.16
N SER A 146 -9.09 1.41 -11.18
N SER A 146 -9.09 1.39 -11.17
CA SER A 146 -10.07 0.33 -11.03
CA SER A 146 -10.08 0.34 -10.98
C SER A 146 -9.53 -0.80 -10.16
C SER A 146 -9.54 -0.83 -10.18
N ILE A 147 -8.23 -1.09 -10.26
CA ILE A 147 -7.62 -2.10 -9.43
C ILE A 147 -7.69 -1.70 -7.95
N ILE A 148 -7.46 -0.42 -7.65
CA ILE A 148 -7.59 0.08 -6.27
C ILE A 148 -9.01 -0.18 -5.74
N LEU A 149 -10.02 0.18 -6.53
CA LEU A 149 -11.40 -0.03 -6.13
C LEU A 149 -11.70 -1.49 -5.76
N LEU A 150 -11.27 -2.40 -6.60
CA LEU A 150 -11.57 -3.81 -6.38
C LEU A 150 -10.66 -4.52 -5.37
N ASN A 151 -9.43 -4.04 -5.23
CA ASN A 151 -8.45 -4.72 -4.37
C ASN A 151 -8.41 -4.26 -2.92
N SER A 152 -8.58 -2.97 -2.68
CA SER A 152 -8.15 -2.45 -1.38
C SER A 152 -8.92 -3.06 -0.23
N GLY A 153 -10.19 -3.33 -0.46
CA GLY A 153 -11.01 -3.91 0.59
C GLY A 153 -11.30 -5.39 0.39
N VAL A 154 -10.64 -6.04 -0.58
CA VAL A 154 -11.09 -7.36 -1.01
C VAL A 154 -10.77 -8.47 0.01
N TYR A 155 -9.81 -8.22 0.89
CA TYR A 155 -9.45 -9.20 1.91
C TYR A 155 -10.05 -8.83 3.26
N THR A 156 -11.22 -8.20 3.21
CA THR A 156 -12.04 -7.95 4.39
C THR A 156 -13.51 -7.96 3.99
N ASP A 169 -14.25 -14.58 -5.30
CA ASP A 169 -13.55 -15.20 -6.41
C ASP A 169 -13.90 -14.50 -7.72
N HIS A 170 -15.10 -13.96 -7.77
CA HIS A 170 -15.56 -13.17 -8.90
C HIS A 170 -14.70 -11.92 -9.06
N ILE A 171 -14.38 -11.28 -7.95
CA ILE A 171 -13.56 -10.07 -7.99
C ILE A 171 -12.16 -10.39 -8.50
N HIS A 172 -11.61 -11.51 -8.07
CA HIS A 172 -10.25 -11.88 -8.48
C HIS A 172 -10.18 -12.17 -9.98
N ARG A 173 -11.26 -12.72 -10.53
CA ARG A 173 -11.33 -12.92 -11.97
C ARG A 173 -11.30 -11.58 -12.69
N VAL A 174 -12.02 -10.60 -12.16
CA VAL A 174 -12.03 -9.27 -12.77
C VAL A 174 -10.65 -8.64 -12.67
N LEU A 175 -10.03 -8.77 -11.50
CA LEU A 175 -8.70 -8.22 -11.31
C LEU A 175 -7.71 -8.85 -12.30
N ASP A 176 -7.83 -10.17 -12.54
CA ASP A 176 -6.99 -10.83 -13.52
C ASP A 176 -7.19 -10.27 -14.93
N LYS A 177 -8.43 -9.93 -15.26
CA LYS A 177 -8.71 -9.35 -16.57
C LYS A 177 -8.08 -7.97 -16.69
N ILE A 178 -8.04 -7.22 -15.59
CA ILE A 178 -7.39 -5.91 -15.67
C ILE A 178 -5.88 -6.08 -15.85
N THR A 179 -5.32 -7.12 -15.23
CA THR A 179 -3.89 -7.42 -15.46
C THR A 179 -3.65 -7.73 -16.93
N ASP A 180 -4.50 -8.58 -17.50
CA ASP A 180 -4.40 -8.89 -18.93
C ASP A 180 -4.44 -7.62 -19.77
N THR A 181 -5.29 -6.68 -19.36
CA THR A 181 -5.48 -5.45 -20.12
C THR A 181 -4.25 -4.56 -20.04
N LEU A 182 -3.64 -4.49 -18.86
CA LEU A 182 -2.41 -3.71 -18.73
C LEU A 182 -1.30 -4.25 -19.61
N ILE A 183 -1.16 -5.57 -19.66
CA ILE A 183 -0.10 -6.16 -20.47
C ILE A 183 -0.37 -5.92 -21.94
N HIS A 184 -1.64 -6.05 -22.33
CA HIS A 184 -2.07 -5.78 -23.70
C HIS A 184 -1.70 -4.36 -24.12
N LEU A 185 -1.97 -3.39 -23.25
CA LEU A 185 -1.62 -2.00 -23.52
C LEU A 185 -0.11 -1.82 -23.70
N MET A 186 0.68 -2.45 -22.84
N MET A 186 0.68 -2.47 -22.85
CA MET A 186 2.13 -2.36 -22.92
CA MET A 186 2.12 -2.35 -22.92
C MET A 186 2.66 -3.03 -24.19
C MET A 186 2.70 -3.06 -24.15
N ALA A 187 2.09 -4.18 -24.52
CA ALA A 187 2.48 -4.89 -25.73
C ALA A 187 2.16 -4.02 -26.96
N LYS A 188 0.95 -3.47 -26.98
CA LYS A 188 0.53 -2.61 -28.09
C LYS A 188 1.43 -1.39 -28.21
N ALA A 189 1.97 -0.93 -27.10
CA ALA A 189 2.86 0.23 -27.10
C ALA A 189 4.28 -0.15 -27.47
N GLY A 190 4.52 -1.43 -27.73
CA GLY A 190 5.80 -1.85 -28.23
C GLY A 190 6.86 -2.27 -27.22
N LEU A 191 6.48 -2.43 -25.96
CA LEU A 191 7.44 -2.89 -24.95
C LEU A 191 7.79 -4.35 -25.20
N THR A 192 9.05 -4.68 -24.96
CA THR A 192 9.50 -6.08 -25.01
C THR A 192 8.82 -6.90 -23.91
N LEU A 193 8.85 -8.22 -24.08
CA LEU A 193 8.21 -9.11 -23.13
C LEU A 193 8.73 -8.90 -21.70
N GLN A 194 10.04 -8.72 -21.57
CA GLN A 194 10.66 -8.46 -20.27
C GLN A 194 10.25 -7.09 -19.73
N GLN A 195 10.25 -6.09 -20.60
CA GLN A 195 9.79 -4.75 -20.21
C GLN A 195 8.35 -4.77 -19.74
N GLN A 196 7.54 -5.66 -20.32
CA GLN A 196 6.14 -5.74 -19.90
C GLN A 196 5.99 -6.15 -18.43
N HIS A 197 6.65 -7.23 -18.01
CA HIS A 197 6.49 -7.63 -16.61
C HIS A 197 7.21 -6.65 -15.68
N GLN A 198 8.29 -6.04 -16.13
CA GLN A 198 8.99 -5.07 -15.27
C GLN A 198 8.09 -3.86 -15.02
N ARG A 199 7.43 -3.38 -16.06
CA ARG A 199 6.58 -2.20 -15.92
C ARG A 199 5.30 -2.54 -15.14
N LEU A 200 4.75 -3.73 -15.39
CA LEU A 200 3.58 -4.18 -14.63
C LEU A 200 3.90 -4.10 -13.12
N ALA A 201 5.08 -4.57 -12.76
CA ALA A 201 5.50 -4.55 -11.36
C ALA A 201 5.69 -3.11 -10.87
N GLN A 202 6.33 -2.26 -11.68
CA GLN A 202 6.56 -0.87 -11.25
C GLN A 202 5.23 -0.17 -10.99
N LEU A 203 4.27 -0.36 -11.88
CA LEU A 203 2.97 0.27 -11.70
C LEU A 203 2.23 -0.22 -10.45
N LEU A 204 2.27 -1.53 -10.21
CA LEU A 204 1.52 -2.07 -9.08
C LEU A 204 2.17 -1.71 -7.74
N LEU A 205 3.48 -1.53 -7.74
CA LEU A 205 4.15 -1.15 -6.50
C LEU A 205 3.77 0.27 -6.08
N ILE A 206 3.39 1.09 -7.05
CA ILE A 206 2.85 2.44 -6.76
C ILE A 206 1.63 2.36 -5.85
N LEU A 207 0.86 1.30 -5.98
CA LEU A 207 -0.36 1.14 -5.20
C LEU A 207 -0.06 0.97 -3.70
N SER A 208 1.11 0.44 -3.35
CA SER A 208 1.55 0.38 -1.96
CA SER A 208 1.48 0.38 -1.95
C SER A 208 1.76 1.78 -1.39
N HIS A 209 2.35 2.64 -2.21
CA HIS A 209 2.58 4.04 -1.84
C HIS A 209 1.27 4.80 -1.73
N ILE A 210 0.35 4.56 -2.65
CA ILE A 210 -0.96 5.21 -2.58
C ILE A 210 -1.74 4.76 -1.32
N ARG A 211 -1.65 3.48 -0.97
CA ARG A 211 -2.28 3.02 0.27
C ARG A 211 -1.70 3.76 1.48
N HIS A 212 -0.37 3.86 1.49
CA HIS A 212 0.32 4.55 2.57
C HIS A 212 -0.17 5.98 2.72
N MET A 213 -0.22 6.68 1.60
CA MET A 213 -0.68 8.08 1.63
C MET A 213 -2.12 8.21 2.08
N SER A 214 -2.98 7.27 1.66
CA SER A 214 -4.36 7.29 2.10
C SER A 214 -4.45 7.11 3.61
N ASN A 215 -3.70 6.16 4.17
CA ASN A 215 -3.72 5.97 5.62
C ASN A 215 -3.26 7.21 6.38
N LYS A 216 -2.22 7.87 5.87
CA LYS A 216 -1.76 9.10 6.51
C LYS A 216 -2.80 10.21 6.38
N GLY A 217 -3.41 10.29 5.19
CA GLY A 217 -4.43 11.29 4.93
C GLY A 217 -5.67 11.09 5.79
N MET A 218 -6.03 9.84 6.01
CA MET A 218 -7.20 9.51 6.81
C MET A 218 -6.98 9.92 8.26
N GLU A 219 -5.77 9.67 8.78
CA GLU A 219 -5.43 10.08 10.14
C GLU A 219 -5.44 11.60 10.26
N HIS A 220 -4.98 12.28 9.22
CA HIS A 220 -4.96 13.74 9.21
C HIS A 220 -6.37 14.31 9.20
N LEU A 221 -7.23 13.76 8.33
CA LEU A 221 -8.61 14.22 8.26
C LEU A 221 -9.33 14.01 9.59
N TYR A 222 -9.09 12.85 10.20
CA TYR A 222 -9.67 12.54 11.51
C TYR A 222 -9.26 13.59 12.55
N SER A 223 -7.99 13.98 12.52
N SER A 223 -7.98 13.96 12.53
CA SER A 223 -7.48 14.96 13.48
CA SER A 223 -7.45 14.96 13.46
C SER A 223 -8.10 16.34 13.27
C SER A 223 -8.14 16.30 13.26
N MET A 224 -8.31 16.71 12.01
CA MET A 224 -9.00 17.94 11.68
C MET A 224 -10.44 17.92 12.20
N LYS A 225 -11.10 16.79 12.02
CA LYS A 225 -12.46 16.62 12.51
C LYS A 225 -12.49 16.74 14.03
N LYS A 227 -10.55 18.26 15.98
CA LYS A 227 -10.17 19.59 16.50
C LYS A 227 -11.18 20.65 16.07
N ASN A 228 -12.31 20.20 15.53
CA ASN A 228 -13.34 21.11 15.00
C ASN A 228 -12.78 22.17 14.05
N VAL A 229 -11.81 21.79 13.23
CA VAL A 229 -11.25 22.71 12.25
C VAL A 229 -12.24 22.99 11.11
N VAL A 230 -12.95 21.96 10.68
CA VAL A 230 -13.81 22.05 9.51
C VAL A 230 -15.03 21.17 9.68
N PRO A 231 -16.20 21.67 9.26
CA PRO A 231 -17.43 20.88 9.22
C PRO A 231 -17.37 19.91 8.05
N LEU A 232 -17.55 18.63 8.31
CA LEU A 232 -17.56 17.63 7.24
C LEU A 232 -18.99 17.22 6.93
N SER A 233 -19.27 17.01 5.65
CA SER A 233 -20.58 16.51 5.24
C SER A 233 -20.90 15.18 5.91
N ASP A 234 -22.18 14.85 5.98
CA ASP A 234 -22.58 13.58 6.57
C ASP A 234 -21.93 12.41 5.84
N LEU A 235 -21.85 12.51 4.51
CA LEU A 235 -21.26 11.44 3.71
C LEU A 235 -19.79 11.27 4.06
N LEU A 236 -19.06 12.37 4.09
CA LEU A 236 -17.66 12.35 4.45
C LEU A 236 -17.45 11.81 5.89
N LEU A 237 -18.34 12.19 6.82
CA LEU A 237 -18.21 11.68 8.18
C LEU A 237 -18.34 10.16 8.19
N GLU A 238 -19.25 9.63 7.37
CA GLU A 238 -19.47 8.19 7.37
C GLU A 238 -18.33 7.45 6.64
N MET A 239 -17.79 8.06 5.59
CA MET A 239 -16.65 7.47 4.86
C MET A 239 -15.42 7.44 5.75
N LEU A 240 -15.27 8.48 6.57
CA LEU A 240 -14.18 8.55 7.53
C LEU A 240 -14.39 7.57 8.68
N ASP A 241 -15.62 7.52 9.18
CA ASP A 241 -16.01 6.61 10.25
C ASP A 241 -15.73 5.15 9.95
N ALA A 242 -15.89 4.77 8.68
CA ALA A 242 -15.66 3.40 8.24
C ALA A 242 -14.24 2.92 8.57
N HIS A 243 -13.33 3.87 8.76
CA HIS A 243 -11.93 3.54 9.00
C HIS A 243 -11.60 3.48 10.48
N ARG A 244 -12.63 3.67 11.31
CA ARG A 244 -12.58 3.37 12.75
C ARG A 244 -11.26 3.75 13.41
N LEU A 245 -10.81 4.98 13.15
CA LEU A 245 -9.54 5.48 13.68
C LEU A 245 -9.60 5.67 15.19
N ALA B 3 25.35 -7.08 -7.82
CA ALA B 3 23.95 -7.43 -7.61
C ALA B 3 23.20 -7.59 -8.92
N ALA B 4 23.34 -6.58 -9.79
CA ALA B 4 22.65 -6.60 -11.08
C ALA B 4 23.26 -7.62 -12.04
N SER B 5 24.33 -8.27 -11.61
CA SER B 5 24.99 -9.27 -12.44
C SER B 5 24.75 -10.68 -11.90
N LEU B 6 23.77 -10.81 -11.02
CA LEU B 6 23.31 -12.12 -10.56
C LEU B 6 22.26 -12.69 -11.51
N THR B 7 22.31 -14.00 -11.72
CA THR B 7 21.26 -14.69 -12.45
C THR B 7 20.05 -14.88 -11.53
N ALA B 8 18.92 -15.26 -12.11
CA ALA B 8 17.71 -15.49 -11.33
C ALA B 8 17.93 -16.56 -10.26
N ASP B 9 18.60 -17.64 -10.61
N ASP B 9 18.62 -17.62 -10.63
CA ASP B 9 18.82 -18.72 -9.66
CA ASP B 9 18.85 -18.73 -9.70
C ASP B 9 19.76 -18.30 -8.54
C ASP B 9 19.77 -18.31 -8.56
N GLN B 10 20.72 -17.44 -8.86
CA GLN B 10 21.66 -16.95 -7.86
C GLN B 10 20.99 -15.97 -6.91
N MET B 11 20.08 -15.15 -7.44
CA MET B 11 19.29 -14.23 -6.61
C MET B 11 18.49 -15.03 -5.59
N VAL B 12 17.79 -16.06 -6.09
CA VAL B 12 16.98 -16.92 -5.22
C VAL B 12 17.83 -17.55 -4.14
N SER B 13 18.98 -18.09 -4.53
CA SER B 13 19.88 -18.73 -3.57
C SER B 13 20.41 -17.72 -2.55
N ALA B 14 20.81 -16.54 -3.01
CA ALA B 14 21.24 -15.46 -2.11
C ALA B 14 20.15 -15.10 -1.09
N LEU B 15 18.91 -14.96 -1.55
CA LEU B 15 17.82 -14.59 -0.67
C LEU B 15 17.46 -15.71 0.31
N LEU B 16 17.53 -16.96 -0.16
CA LEU B 16 17.23 -18.08 0.73
C LEU B 16 18.28 -18.20 1.83
N ASP B 17 19.53 -17.95 1.48
CA ASP B 17 20.62 -18.07 2.44
C ASP B 17 20.61 -16.91 3.44
N ALA B 18 20.09 -15.76 3.02
CA ALA B 18 20.07 -14.58 3.86
C ALA B 18 18.98 -14.62 4.93
N GLU B 19 18.09 -15.61 4.86
CA GLU B 19 16.91 -15.67 5.73
C GLU B 19 17.30 -15.67 7.21
N PRO B 20 16.58 -14.87 8.02
CA PRO B 20 16.82 -14.79 9.46
C PRO B 20 16.37 -16.07 10.15
N PRO B 21 16.78 -16.27 11.41
CA PRO B 21 16.33 -17.44 12.16
C PRO B 21 14.92 -17.27 12.70
N ILE B 22 14.24 -18.39 12.98
CA ILE B 22 12.96 -18.31 13.67
C ILE B 22 13.23 -18.30 15.18
N LEU B 23 12.82 -17.23 15.85
CA LEU B 23 13.10 -17.08 17.26
C LEU B 23 11.95 -17.62 18.10
N TYR B 24 12.26 -18.10 19.31
CA TYR B 24 11.21 -18.52 20.22
C TYR B 24 10.79 -17.35 21.09
N SER B 25 9.57 -17.45 21.62
CA SER B 25 9.04 -16.49 22.56
C SER B 25 9.52 -16.82 23.98
N PHE B 33 -2.74 -15.77 30.29
CA PHE B 33 -2.49 -14.56 29.52
C PHE B 33 -3.12 -13.33 30.14
N SER B 34 -2.42 -12.20 30.00
CA SER B 34 -2.95 -10.90 30.36
C SER B 34 -2.58 -9.93 29.24
N GLU B 35 -3.20 -8.76 29.23
CA GLU B 35 -2.94 -7.80 28.16
C GLU B 35 -1.48 -7.35 28.13
N ALA B 36 -0.93 -7.04 29.31
CA ALA B 36 0.46 -6.62 29.41
C ALA B 36 1.38 -7.80 29.13
N SER B 37 0.97 -8.97 29.59
CA SER B 37 1.70 -10.21 29.33
C SER B 37 1.88 -10.42 27.83
N MET B 38 0.77 -10.47 27.11
CA MET B 38 0.81 -10.76 25.68
C MET B 38 1.59 -9.69 24.90
N MET B 39 1.29 -8.42 25.16
CA MET B 39 2.00 -7.32 24.50
C MET B 39 3.49 -7.34 24.84
N GLY B 40 3.82 -7.80 26.03
CA GLY B 40 5.21 -7.93 26.42
C GLY B 40 5.88 -9.02 25.60
N LEU B 41 5.18 -10.13 25.42
CA LEU B 41 5.72 -11.23 24.64
C LEU B 41 5.92 -10.80 23.19
N LEU B 42 4.96 -10.06 22.66
CA LEU B 42 5.00 -9.70 21.24
C LEU B 42 6.09 -8.67 20.96
N THR B 43 6.14 -7.62 21.77
CA THR B 43 7.13 -6.57 21.59
C THR B 43 8.54 -7.07 21.91
N ASN B 44 8.68 -7.94 22.90
CA ASN B 44 9.98 -8.52 23.21
C ASN B 44 10.50 -9.34 22.03
N LEU B 45 9.60 -10.09 21.40
CA LEU B 45 9.94 -10.88 20.23
C LEU B 45 10.32 -9.96 19.06
N ALA B 46 9.49 -8.96 18.81
CA ALA B 46 9.74 -8.00 17.72
C ALA B 46 11.12 -7.37 17.87
N ASP B 47 11.44 -6.95 19.08
CA ASP B 47 12.75 -6.35 19.34
C ASP B 47 13.89 -7.30 18.98
N ARG B 48 13.80 -8.56 19.39
CA ARG B 48 14.84 -9.52 19.02
C ARG B 48 14.83 -9.84 17.52
N GLU B 49 13.67 -9.88 16.89
CA GLU B 49 13.67 -10.10 15.46
C GLU B 49 14.34 -8.96 14.72
N LEU B 50 14.15 -7.75 15.22
CA LEU B 50 14.71 -6.58 14.56
C LEU B 50 16.24 -6.66 14.40
N VAL B 51 16.94 -7.14 15.43
CA VAL B 51 18.38 -7.25 15.32
C VAL B 51 18.76 -8.18 14.17
N HIS B 52 18.04 -9.29 14.04
CA HIS B 52 18.28 -10.22 12.95
C HIS B 52 17.86 -9.67 11.57
N MET B 53 16.83 -8.84 11.55
CA MET B 53 16.39 -8.20 10.30
C MET B 53 17.49 -7.33 9.70
N ILE B 54 18.24 -6.65 10.56
CA ILE B 54 19.32 -5.80 10.07
C ILE B 54 20.39 -6.63 9.35
N ASN B 55 20.77 -7.78 9.93
CA ASN B 55 21.72 -8.67 9.24
C ASN B 55 21.19 -9.16 7.91
N TRP B 56 19.89 -9.51 7.88
CA TRP B 56 19.26 -9.97 6.66
C TRP B 56 19.31 -8.89 5.59
N ALA B 57 18.99 -7.66 5.97
CA ALA B 57 18.91 -6.57 5.01
C ALA B 57 20.27 -6.36 4.34
N LYS B 58 21.33 -6.47 5.13
CA LYS B 58 22.69 -6.31 4.60
C LYS B 58 23.04 -7.38 3.57
N ARG B 59 22.33 -8.49 3.56
CA ARG B 59 22.53 -9.55 2.58
C ARG B 59 21.56 -9.52 1.38
N VAL B 60 20.58 -8.63 1.40
CA VAL B 60 19.76 -8.45 0.21
C VAL B 60 20.59 -7.76 -0.86
N PRO B 61 20.77 -8.43 -2.01
CA PRO B 61 21.62 -7.88 -3.08
C PRO B 61 21.31 -6.42 -3.38
N GLY B 62 22.33 -5.57 -3.32
CA GLY B 62 22.17 -4.15 -3.63
C GLY B 62 21.99 -3.24 -2.44
N PHE B 63 21.58 -3.79 -1.30
CA PHE B 63 21.23 -2.97 -0.14
C PHE B 63 22.47 -2.29 0.46
N VAL B 64 23.59 -2.99 0.52
CA VAL B 64 24.81 -2.43 1.11
C VAL B 64 25.49 -1.43 0.17
N ASP B 65 25.04 -1.39 -1.09
CA ASP B 65 25.56 -0.41 -2.04
C ASP B 65 25.01 0.98 -1.73
N LEU B 66 23.95 1.02 -0.91
CA LEU B 66 23.30 2.27 -0.54
C LEU B 66 24.05 2.99 0.57
N THR B 67 23.87 4.30 0.67
CA THR B 67 24.45 5.04 1.78
C THR B 67 23.82 4.57 3.09
N LEU B 68 24.55 4.76 4.17
CA LEU B 68 24.05 4.43 5.51
C LEU B 68 22.73 5.16 5.77
N HIS B 69 22.64 6.40 5.33
CA HIS B 69 21.41 7.18 5.47
C HIS B 69 20.23 6.50 4.78
N ASP B 70 20.47 6.02 3.57
CA ASP B 70 19.40 5.39 2.79
C ASP B 70 18.99 4.05 3.38
N GLN B 71 19.98 3.29 3.86
CA GLN B 71 19.73 2.02 4.52
C GLN B 71 18.87 2.20 5.76
N VAL B 72 19.20 3.21 6.56
CA VAL B 72 18.43 3.52 7.75
C VAL B 72 16.99 3.89 7.39
N HIS B 73 16.84 4.71 6.35
CA HIS B 73 15.50 5.14 5.95
C HIS B 73 14.62 3.97 5.49
N LEU B 74 15.15 3.10 4.64
CA LEU B 74 14.36 1.97 4.14
C LEU B 74 13.92 1.05 5.27
N LEU B 75 14.83 0.78 6.21
CA LEU B 75 14.50 -0.09 7.33
C LEU B 75 13.50 0.58 8.30
N GLU B 76 13.66 1.88 8.56
CA GLU B 76 12.66 2.57 9.38
C GLU B 76 11.27 2.52 8.74
N ALA B 78 10.11 0.24 6.48
CA ALA B 78 9.60 -1.08 6.18
C ALA B 78 9.57 -2.12 7.33
N TRP B 79 10.14 -1.80 8.47
CA TRP B 79 10.41 -2.87 9.46
C TRP B 79 9.15 -3.65 9.90
N LEU B 80 8.03 -2.97 10.11
CA LEU B 80 6.83 -3.66 10.59
C LEU B 80 6.18 -4.44 9.45
N GLU B 81 6.24 -3.91 8.22
CA GLU B 81 5.80 -4.67 7.05
C GLU B 81 6.58 -5.98 6.93
N ILE B 82 7.88 -5.90 7.17
CA ILE B 82 8.76 -7.06 7.10
C ILE B 82 8.44 -8.07 8.23
N LEU B 83 8.23 -7.58 9.45
CA LEU B 83 7.80 -8.49 10.52
C LEU B 83 6.47 -9.14 10.20
N MET B 84 5.53 -8.37 9.66
CA MET B 84 4.21 -8.92 9.33
C MET B 84 4.21 -9.94 8.20
N ILE B 85 4.96 -9.70 7.12
CA ILE B 85 4.91 -10.66 6.03
C ILE B 85 5.60 -11.94 6.51
N GLY B 86 6.60 -11.79 7.37
CA GLY B 86 7.21 -12.94 8.02
C GLY B 86 6.19 -13.75 8.81
N LEU B 87 5.42 -13.05 9.63
CA LEU B 87 4.40 -13.69 10.47
C LEU B 87 3.35 -14.40 9.62
N VAL B 88 2.92 -13.74 8.55
CA VAL B 88 1.89 -14.32 7.69
C VAL B 88 2.41 -15.59 7.02
N TRP B 89 3.66 -15.54 6.55
CA TRP B 89 4.31 -16.71 5.95
C TRP B 89 4.37 -17.89 6.93
N ARG B 90 4.82 -17.62 8.16
CA ARG B 90 4.94 -18.67 9.19
C ARG B 90 3.60 -19.30 9.52
N SER B 91 2.54 -18.52 9.37
CA SER B 91 1.21 -18.91 9.80
C SER B 91 0.39 -19.58 8.68
N MET B 92 0.97 -19.62 7.47
CA MET B 92 0.24 -20.11 6.30
C MET B 92 -0.37 -21.50 6.52
N GLU B 93 0.37 -22.38 7.17
CA GLU B 93 -0.06 -23.76 7.37
C GLU B 93 -0.88 -23.95 8.65
N HIS B 94 -1.33 -22.84 9.24
CA HIS B 94 -2.09 -22.89 10.49
C HIS B 94 -3.35 -22.06 10.39
N PRO B 95 -4.32 -22.53 9.60
CA PRO B 95 -5.60 -21.84 9.40
C PRO B 95 -6.19 -21.34 10.71
N GLY B 96 -6.49 -20.03 10.77
CA GLY B 96 -7.12 -19.44 11.93
C GLY B 96 -6.16 -19.08 13.05
N LYS B 97 -4.88 -19.36 12.86
CA LYS B 97 -3.86 -19.11 13.89
C LYS B 97 -2.71 -18.25 13.37
N LEU B 98 -2.05 -17.53 14.28
CA LEU B 98 -0.85 -16.76 13.96
C LEU B 98 0.37 -17.32 14.68
N LEU B 99 1.32 -17.86 13.92
CA LEU B 99 2.52 -18.46 14.50
C LEU B 99 3.56 -17.39 14.73
N PHE B 100 3.40 -16.64 15.82
CA PHE B 100 4.38 -15.62 16.19
C PHE B 100 5.74 -16.27 16.43
N ALA B 101 5.73 -17.41 17.11
CA ALA B 101 6.93 -18.23 17.28
C ALA B 101 6.53 -19.70 17.40
N PRO B 102 7.48 -20.63 17.19
CA PRO B 102 7.18 -22.06 17.20
C PRO B 102 6.51 -22.49 18.50
N ASN B 103 6.79 -21.74 19.56
CA ASN B 103 6.19 -21.99 20.86
C ASN B 103 5.20 -20.92 21.24
N LEU B 104 4.73 -20.16 20.26
CA LEU B 104 3.72 -19.15 20.49
C LEU B 104 2.74 -19.04 19.31
N LEU B 105 1.85 -20.02 19.23
CA LEU B 105 0.84 -20.06 18.18
C LEU B 105 -0.49 -19.59 18.74
N LEU B 106 -0.90 -18.39 18.36
CA LEU B 106 -2.09 -17.75 18.90
C LEU B 106 -3.31 -17.87 17.98
N ASP B 107 -4.44 -18.30 18.54
CA ASP B 107 -5.66 -18.34 17.75
C ASP B 107 -6.28 -16.95 17.68
N ARG B 108 -7.24 -16.81 16.77
CA ARG B 108 -7.89 -15.54 16.49
C ARG B 108 -8.44 -14.84 17.73
N ASN B 109 -9.16 -15.58 18.57
CA ASN B 109 -9.81 -15.00 19.76
C ASN B 109 -8.85 -14.50 20.83
N GLN B 110 -7.61 -14.99 20.81
CA GLN B 110 -6.62 -14.55 21.80
C GLN B 110 -6.16 -13.14 21.51
N GLY B 111 -6.50 -12.63 20.33
CA GLY B 111 -6.21 -11.25 19.99
C GLY B 111 -7.03 -10.28 20.81
N LYS B 112 -8.19 -10.73 21.26
CA LYS B 112 -9.04 -9.90 22.12
C LYS B 112 -8.39 -9.70 23.49
N MET B 113 -7.35 -10.47 23.78
CA MET B 113 -6.61 -10.34 25.03
C MET B 113 -5.98 -8.96 25.15
N VAL B 114 -5.81 -8.29 24.01
CA VAL B 114 -5.26 -6.93 23.96
C VAL B 114 -6.19 -5.98 23.22
N GLU B 115 -6.38 -4.78 23.76
CA GLU B 115 -7.32 -3.82 23.17
C GLU B 115 -6.91 -3.39 21.76
N GLY B 116 -7.87 -3.41 20.84
CA GLY B 116 -7.65 -3.02 19.46
C GLY B 116 -6.87 -4.01 18.62
N MET B 117 -6.49 -5.14 19.22
CA MET B 117 -5.62 -6.09 18.55
C MET B 117 -6.35 -7.09 17.62
N VAL B 118 -7.58 -7.45 17.96
CA VAL B 118 -8.26 -8.49 17.20
C VAL B 118 -8.47 -8.06 15.75
N GLU B 119 -8.71 -6.76 15.56
CA GLU B 119 -8.91 -6.19 14.23
C GLU B 119 -7.65 -6.38 13.38
N ILE B 120 -6.50 -6.23 14.01
CA ILE B 120 -5.23 -6.41 13.33
C ILE B 120 -4.98 -7.90 13.08
N PHE B 121 -5.31 -8.74 14.06
CA PHE B 121 -5.24 -10.18 13.88
C PHE B 121 -6.05 -10.66 12.67
N ASP B 122 -7.27 -10.13 12.53
CA ASP B 122 -8.13 -10.54 11.43
C ASP B 122 -7.52 -10.21 10.08
N MET B 123 -6.88 -9.06 9.97
CA MET B 123 -6.22 -8.67 8.72
C MET B 123 -5.05 -9.59 8.39
N LEU B 124 -4.26 -9.93 9.41
CA LEU B 124 -3.13 -10.83 9.22
C LEU B 124 -3.60 -12.23 8.82
N LEU B 125 -4.65 -12.71 9.48
CA LEU B 125 -5.20 -14.02 9.19
C LEU B 125 -5.74 -14.10 7.75
N ALA B 126 -6.40 -13.04 7.31
CA ALA B 126 -6.92 -13.00 5.95
C ALA B 126 -5.77 -13.02 4.93
N THR B 127 -4.67 -12.35 5.25
CA THR B 127 -3.53 -12.37 4.36
C THR B 127 -2.93 -13.77 4.30
N SER B 128 -2.81 -14.40 5.47
CA SER B 128 -2.30 -15.76 5.52
C SER B 128 -3.17 -16.68 4.67
N SER B 129 -4.48 -16.54 4.82
CA SER B 129 -5.46 -17.29 4.05
C SER B 129 -5.29 -17.05 2.54
N ARG B 130 -5.05 -15.79 2.17
CA ARG B 130 -4.76 -15.46 0.78
C ARG B 130 -3.51 -16.19 0.27
N PHE B 131 -2.43 -16.15 1.04
CA PHE B 131 -1.21 -16.89 0.70
C PHE B 131 -1.49 -18.37 0.45
N ARG B 132 -2.31 -18.93 1.34
CA ARG B 132 -2.65 -20.34 1.30
C ARG B 132 -3.42 -20.66 0.01
N MET B 133 -4.41 -19.84 -0.33
CA MET B 133 -5.20 -20.13 -1.52
C MET B 133 -4.36 -19.94 -2.80
N MET B 134 -3.37 -19.06 -2.76
CA MET B 134 -2.44 -18.90 -3.89
C MET B 134 -1.36 -19.96 -3.91
N ASN B 135 -1.23 -20.69 -2.81
CA ASN B 135 -0.13 -21.64 -2.65
C ASN B 135 1.21 -20.93 -2.82
N LEU B 136 1.38 -19.83 -2.09
CA LEU B 136 2.63 -19.08 -2.13
C LEU B 136 3.82 -19.97 -1.80
N GLN B 137 4.86 -19.87 -2.61
CA GLN B 137 6.08 -20.66 -2.43
C GLN B 137 7.14 -19.88 -1.65
N GLY B 138 8.01 -20.61 -0.95
CA GLY B 138 9.08 -19.98 -0.20
C GLY B 138 9.99 -19.10 -1.04
N GLU B 139 10.24 -19.50 -2.27
CA GLU B 139 11.09 -18.73 -3.16
C GLU B 139 10.42 -17.41 -3.51
N GLU B 140 9.10 -17.44 -3.63
CA GLU B 140 8.31 -16.25 -3.91
C GLU B 140 8.28 -15.34 -2.69
N PHE B 141 8.07 -15.94 -1.53
CA PHE B 141 8.04 -15.18 -0.27
C PHE B 141 9.30 -14.33 -0.05
N VAL B 142 10.49 -14.91 -0.26
CA VAL B 142 11.71 -14.13 -0.02
C VAL B 142 11.87 -13.00 -1.04
N CYS B 143 11.42 -13.22 -2.27
CA CYS B 143 11.41 -12.14 -3.25
C CYS B 143 10.52 -11.01 -2.75
N LEU B 144 9.30 -11.35 -2.30
CA LEU B 144 8.35 -10.31 -1.87
C LEU B 144 8.89 -9.52 -0.69
N LYS B 145 9.59 -10.18 0.22
CA LYS B 145 10.08 -9.51 1.39
C LYS B 145 11.18 -8.51 1.00
N SER B 146 12.03 -8.90 0.05
CA SER B 146 13.08 -8.02 -0.43
C SER B 146 12.50 -6.82 -1.16
N ILE B 147 11.40 -7.03 -1.89
CA ILE B 147 10.71 -5.92 -2.56
C ILE B 147 10.18 -4.90 -1.55
N ILE B 148 9.55 -5.38 -0.47
CA ILE B 148 9.07 -4.51 0.61
C ILE B 148 10.21 -3.61 1.13
N LEU B 149 11.37 -4.22 1.40
CA LEU B 149 12.50 -3.47 1.93
C LEU B 149 12.91 -2.34 0.97
N LEU B 150 13.02 -2.67 -0.32
CA LEU B 150 13.55 -1.74 -1.31
C LEU B 150 12.51 -0.74 -1.80
N ASN B 151 11.23 -1.12 -1.70
CA ASN B 151 10.17 -0.27 -2.26
C ASN B 151 9.54 0.69 -1.29
N SER B 152 9.33 0.28 -0.06
CA SER B 152 8.36 1.02 0.76
C SER B 152 8.77 2.46 1.05
N GLY B 153 10.06 2.73 1.12
CA GLY B 153 10.52 4.08 1.39
C GLY B 153 11.21 4.75 0.20
N VAL B 154 11.13 4.12 -0.97
CA VAL B 154 11.97 4.53 -2.10
C VAL B 154 11.55 5.85 -2.77
N TYR B 155 10.28 6.23 -2.69
CA TYR B 155 9.82 7.50 -3.27
C TYR B 155 10.31 8.73 -2.52
N THR B 156 11.21 8.56 -1.58
CA THR B 156 11.81 9.71 -0.89
C THR B 156 13.33 9.65 -0.93
N LYS B 168 19.53 7.35 -8.95
CA LYS B 168 18.21 7.00 -8.45
C LYS B 168 17.72 5.69 -9.03
N ASP B 169 18.51 5.15 -9.97
CA ASP B 169 18.09 3.98 -10.73
C ASP B 169 18.62 2.66 -10.20
N HIS B 170 19.71 2.70 -9.43
CA HIS B 170 20.29 1.47 -8.89
C HIS B 170 19.26 0.65 -8.11
N ILE B 171 18.53 1.31 -7.21
CA ILE B 171 17.48 0.63 -6.46
C ILE B 171 16.39 0.13 -7.40
N HIS B 172 16.03 0.94 -8.39
CA HIS B 172 15.01 0.54 -9.34
C HIS B 172 15.48 -0.57 -10.26
N ARG B 173 16.78 -0.60 -10.57
CA ARG B 173 17.32 -1.71 -11.36
C ARG B 173 17.31 -2.98 -10.54
N VAL B 174 17.61 -2.88 -9.24
CA VAL B 174 17.53 -4.02 -8.35
C VAL B 174 16.10 -4.53 -8.23
N LEU B 175 15.14 -3.61 -8.10
CA LEU B 175 13.74 -4.01 -8.06
C LEU B 175 13.34 -4.74 -9.34
N ASP B 176 13.80 -4.26 -10.49
CA ASP B 176 13.49 -4.94 -11.76
C ASP B 176 14.05 -6.36 -11.77
N LYS B 177 15.24 -6.52 -11.19
CA LYS B 177 15.87 -7.84 -11.12
C LYS B 177 15.06 -8.79 -10.25
N ILE B 178 14.46 -8.27 -9.17
CA ILE B 178 13.66 -9.16 -8.34
C ILE B 178 12.35 -9.53 -9.08
N THR B 179 11.76 -8.59 -9.82
CA THR B 179 10.63 -8.94 -10.67
C THR B 179 11.01 -10.05 -11.64
N ASP B 180 12.16 -9.89 -12.30
CA ASP B 180 12.67 -10.92 -13.23
C ASP B 180 12.76 -12.29 -12.54
N THR B 181 13.20 -12.28 -11.29
CA THR B 181 13.40 -13.50 -10.51
C THR B 181 12.06 -14.16 -10.20
N LEU B 182 11.06 -13.37 -9.79
CA LEU B 182 9.72 -13.91 -9.59
C LEU B 182 9.17 -14.55 -10.87
N ILE B 183 9.32 -13.86 -11.99
CA ILE B 183 8.81 -14.38 -13.25
C ILE B 183 9.54 -15.68 -13.63
N HIS B 184 10.85 -15.72 -13.38
CA HIS B 184 11.67 -16.91 -13.60
C HIS B 184 11.14 -18.12 -12.80
N LEU B 185 10.82 -17.88 -11.53
CA LEU B 185 10.27 -18.93 -10.68
C LEU B 185 8.96 -19.46 -11.23
N MET B 186 8.12 -18.55 -11.71
CA MET B 186 6.81 -18.94 -12.23
C MET B 186 6.95 -19.69 -13.55
N ALA B 187 7.89 -19.27 -14.39
CA ALA B 187 8.15 -19.98 -15.65
C ALA B 187 8.68 -21.38 -15.32
N LYS B 188 9.62 -21.46 -14.38
CA LYS B 188 10.17 -22.74 -13.94
C LYS B 188 9.07 -23.69 -13.47
N ALA B 189 8.02 -23.12 -12.88
CA ALA B 189 6.92 -23.92 -12.35
C ALA B 189 5.92 -24.34 -13.43
N GLY B 190 6.14 -23.90 -14.66
CA GLY B 190 5.29 -24.31 -15.78
C GLY B 190 4.09 -23.43 -16.07
N LEU B 191 3.99 -22.27 -15.41
CA LEU B 191 2.93 -21.34 -15.73
C LEU B 191 3.10 -20.78 -17.13
N THR B 192 1.98 -20.57 -17.82
CA THR B 192 1.96 -19.89 -19.10
C THR B 192 2.29 -18.42 -18.91
N LEU B 193 2.60 -17.72 -19.99
N LEU B 193 2.60 -17.73 -20.00
CA LEU B 193 2.88 -16.29 -19.92
CA LEU B 193 2.87 -16.30 -19.97
C LEU B 193 1.73 -15.52 -19.29
C LEU B 193 1.73 -15.55 -19.29
N GLN B 194 0.50 -15.86 -19.67
CA GLN B 194 -0.67 -15.18 -19.13
C GLN B 194 -0.80 -15.45 -17.64
N GLN B 195 -0.52 -16.68 -17.23
CA GLN B 195 -0.57 -17.05 -15.82
C GLN B 195 0.52 -16.39 -14.99
N GLN B 196 1.71 -16.25 -15.57
CA GLN B 196 2.81 -15.59 -14.89
C GLN B 196 2.46 -14.14 -14.57
N HIS B 197 1.98 -13.43 -15.58
CA HIS B 197 1.65 -12.01 -15.39
C HIS B 197 0.52 -11.87 -14.37
N GLN B 198 -0.50 -12.71 -14.48
CA GLN B 198 -1.60 -12.68 -13.51
C GLN B 198 -1.13 -12.94 -12.07
N ARG B 199 -0.27 -13.93 -11.89
CA ARG B 199 0.21 -14.27 -10.55
C ARG B 199 1.14 -13.19 -10.01
N LEU B 200 1.98 -12.62 -10.88
CA LEU B 200 2.84 -11.53 -10.45
C LEU B 200 1.99 -10.40 -9.89
N ALA B 201 0.92 -10.05 -10.61
CA ALA B 201 0.01 -8.99 -10.16
C ALA B 201 -0.65 -9.34 -8.83
N GLN B 202 -1.12 -10.58 -8.71
CA GLN B 202 -1.76 -11.04 -7.48
C GLN B 202 -0.84 -10.89 -6.27
N LEU B 203 0.42 -11.29 -6.45
CA LEU B 203 1.40 -11.18 -5.38
C LEU B 203 1.69 -9.74 -5.00
N LEU B 204 1.84 -8.87 -6.00
CA LEU B 204 2.24 -7.50 -5.70
C LEU B 204 1.09 -6.72 -5.06
N LEU B 205 -0.15 -7.09 -5.39
CA LEU B 205 -1.31 -6.42 -4.79
C LEU B 205 -1.42 -6.78 -3.32
N ILE B 206 -0.85 -7.90 -2.92
CA ILE B 206 -0.85 -8.25 -1.51
C ILE B 206 0.03 -7.26 -0.73
N LEU B 207 1.02 -6.68 -1.40
CA LEU B 207 1.90 -5.72 -0.73
C LEU B 207 1.13 -4.45 -0.34
N SER B 208 0.05 -4.13 -1.04
CA SER B 208 -0.79 -3.00 -0.66
C SER B 208 -1.46 -3.29 0.68
N HIS B 209 -1.91 -4.54 0.83
N HIS B 209 -1.92 -4.53 0.85
CA HIS B 209 -2.57 -4.98 2.06
CA HIS B 209 -2.57 -4.90 2.10
C HIS B 209 -1.59 -5.03 3.23
C HIS B 209 -1.56 -4.97 3.25
N ILE B 210 -0.36 -5.45 2.97
CA ILE B 210 0.68 -5.47 4.01
C ILE B 210 1.03 -4.04 4.43
N ARG B 211 1.09 -3.09 3.49
CA ARG B 211 1.33 -1.70 3.86
C ARG B 211 0.21 -1.18 4.78
N HIS B 212 -1.03 -1.47 4.40
CA HIS B 212 -2.18 -1.10 5.21
C HIS B 212 -2.06 -1.63 6.65
N MET B 213 -1.72 -2.91 6.78
CA MET B 213 -1.63 -3.53 8.09
C MET B 213 -0.49 -2.92 8.91
N SER B 214 0.62 -2.60 8.25
CA SER B 214 1.72 -1.95 8.94
C SER B 214 1.31 -0.59 9.49
N ASN B 215 0.58 0.19 8.69
CA ASN B 215 0.13 1.48 9.15
C ASN B 215 -0.80 1.34 10.36
N LYS B 216 -1.72 0.40 10.32
CA LYS B 216 -2.62 0.19 11.46
C LYS B 216 -1.86 -0.32 12.69
N GLY B 217 -0.91 -1.22 12.49
CA GLY B 217 -0.10 -1.75 13.57
C GLY B 217 0.75 -0.68 14.24
N MET B 218 1.27 0.25 13.45
CA MET B 218 2.12 1.32 13.97
C MET B 218 1.30 2.26 14.85
N GLU B 219 0.06 2.53 14.43
CA GLU B 219 -0.87 3.30 15.25
C GLU B 219 -1.17 2.59 16.58
N HIS B 220 -1.37 1.29 16.51
CA HIS B 220 -1.66 0.49 17.70
C HIS B 220 -0.47 0.49 18.66
N LEU B 221 0.72 0.26 18.12
CA LEU B 221 1.93 0.21 18.93
C LEU B 221 2.16 1.54 19.62
N TYR B 222 1.88 2.62 18.90
CA TYR B 222 2.01 3.97 19.45
C TYR B 222 1.03 4.20 20.60
N SER B 223 -0.16 3.60 20.49
CA SER B 223 -1.17 3.75 21.53
C SER B 223 -0.77 2.98 22.79
N MET B 224 -0.20 1.78 22.60
CA MET B 224 0.28 1.00 23.73
C MET B 224 1.42 1.73 24.43
N LYS B 225 2.27 2.38 23.65
CA LYS B 225 3.40 3.11 24.21
C LYS B 225 2.95 4.25 25.11
N CYS B 226 1.88 4.93 24.71
CA CYS B 226 1.37 6.07 25.45
C CYS B 226 0.73 5.66 26.78
N LYS B 227 0.00 4.53 26.76
CA LYS B 227 -0.63 4.00 27.96
C LYS B 227 0.40 3.45 28.95
N ASN B 228 1.59 3.13 28.45
CA ASN B 228 2.59 2.40 29.22
C ASN B 228 2.07 1.03 29.61
N VAL B 229 1.30 0.42 28.71
CA VAL B 229 0.83 -0.95 28.89
C VAL B 229 2.01 -1.90 28.95
N VAL B 230 3.09 -1.53 28.27
CA VAL B 230 4.27 -2.39 28.18
C VAL B 230 5.52 -1.53 28.04
N PRO B 231 6.65 -2.03 28.56
CA PRO B 231 7.93 -1.37 28.33
C PRO B 231 8.50 -1.72 26.95
N LEU B 232 8.84 -0.70 26.16
CA LEU B 232 9.41 -0.92 24.84
C LEU B 232 10.90 -0.65 24.83
N SER B 233 11.66 -1.50 24.15
CA SER B 233 13.10 -1.33 24.02
C SER B 233 13.43 0.02 23.38
N ASP B 234 14.64 0.50 23.59
CA ASP B 234 15.08 1.76 23.00
C ASP B 234 15.00 1.69 21.47
N LEU B 235 15.48 0.58 20.91
CA LEU B 235 15.45 0.38 19.46
C LEU B 235 14.03 0.45 18.92
N LEU B 236 13.12 -0.30 19.54
CA LEU B 236 11.72 -0.30 19.11
C LEU B 236 11.12 1.10 19.22
N LEU B 237 11.46 1.82 20.28
CA LEU B 237 11.00 3.19 20.47
C LEU B 237 11.48 4.09 19.33
N GLU B 238 12.71 3.86 18.88
CA GLU B 238 13.26 4.66 17.80
C GLU B 238 12.68 4.25 16.43
N MET B 239 12.44 2.96 16.24
CA MET B 239 11.78 2.51 15.00
C MET B 239 10.39 3.10 14.93
N LEU B 240 9.78 3.26 16.10
CA LEU B 240 8.42 3.78 16.20
C LEU B 240 8.35 5.26 15.89
N ASP B 241 9.19 6.07 16.53
CA ASP B 241 9.07 7.51 16.35
C ASP B 241 9.63 7.97 15.00
N ALA B 242 10.24 7.05 14.24
CA ALA B 242 10.64 7.34 12.87
C ALA B 242 9.40 7.58 12.02
N HIS B 243 8.29 6.99 12.46
CA HIS B 243 7.02 7.14 11.76
C HIS B 243 6.24 8.35 12.29
N ARG B 244 6.91 9.13 13.13
CA ARG B 244 6.40 10.41 13.64
C ARG B 244 4.95 10.36 14.07
N ALA C 1 -27.36 4.20 6.17
CA ALA C 1 -26.06 4.60 5.64
C ALA C 1 -26.21 5.32 4.30
N ILE C 2 -25.61 6.50 4.20
CA ILE C 2 -25.79 7.36 3.05
C ILE C 2 -25.24 6.74 1.76
N LEU C 3 -24.07 6.12 1.85
CA LEU C 3 -23.46 5.52 0.68
C LEU C 3 -24.34 4.40 0.11
N HIS C 4 -24.90 3.61 1.02
CA HIS C 4 -25.83 2.54 0.64
C HIS C 4 -26.99 3.07 -0.23
N ARG C 5 -27.61 4.17 0.21
CA ARG C 5 -28.66 4.80 -0.59
C ARG C 5 -28.15 5.35 -1.92
N LEU C 6 -27.02 6.04 -1.87
CA LEU C 6 -26.45 6.67 -3.07
C LEU C 6 -26.09 5.65 -4.14
N LEU C 7 -25.72 4.44 -3.73
CA LEU C 7 -25.34 3.41 -4.68
C LEU C 7 -26.56 2.90 -5.46
N GLN C 8 -27.75 3.22 -4.95
CA GLN C 8 -28.97 2.82 -5.61
C GLN C 8 -29.52 3.92 -6.52
N ALA D 1 21.69 7.23 16.18
CA ALA D 1 20.57 6.29 16.25
C ALA D 1 21.08 4.86 16.45
N ILE D 2 20.35 4.07 17.24
CA ILE D 2 20.72 2.69 17.46
C ILE D 2 20.82 1.93 16.14
N LEU D 3 19.86 2.16 15.25
CA LEU D 3 19.83 1.49 13.95
C LEU D 3 21.09 1.76 13.16
N HIS D 4 21.54 3.01 13.23
CA HIS D 4 22.81 3.42 12.63
C HIS D 4 23.95 2.53 13.12
N ARG D 5 24.02 2.33 14.43
CA ARG D 5 25.07 1.49 15.02
C ARG D 5 24.92 0.01 14.65
N LEU D 6 23.69 -0.47 14.60
CA LEU D 6 23.45 -1.88 14.28
C LEU D 6 23.89 -2.14 12.85
N LEU D 7 23.64 -1.19 11.96
CA LEU D 7 24.05 -1.35 10.57
C LEU D 7 25.57 -1.29 10.48
N GLN D 8 26.19 -0.64 11.47
CA GLN D 8 27.64 -0.63 11.66
C GLN D 8 28.27 0.42 10.76
#